data_4ZZV
#
_entry.id   4ZZV
#
_cell.length_a   42.420
_cell.length_b   80.730
_cell.length_c   54.910
_cell.angle_alpha   90.00
_cell.angle_beta   109.54
_cell.angle_gamma   90.00
#
_symmetry.space_group_name_H-M   'P 1 21 1'
#
loop_
_entity.id
_entity.type
_entity.pdbx_description
1 polymer 'CELLOBIOHYDROLASE I'
2 branched 2-acetamido-2-deoxy-beta-D-glucopyranose-(1-4)-2-acetamido-2-deoxy-beta-D-glucopyranose
3 non-polymer 2-acetamido-2-deoxy-beta-D-glucopyranose
4 non-polymer alpha-D-mannopyranose
5 non-polymer 'MAGNESIUM ION'
6 water water
#
_entity_poly.entity_id   1
_entity_poly.type   'polypeptide(L)'
_entity_poly.pdbx_seq_one_letter_code
;(PCA)QIGTLTTETHPPLTWQTCTSGGSCTTNNGKVVLDANWRWLHSTSGSTNCYTGNTWNTTLCPDDTTCAQNCALDGA
DYEGTYGITASGNSLRLNFVTNGSQKNVGSRTYLMKDDTHYQTFNLLNQEFTFDVDVSGLPCGLNGALYMVPMAADGGVS
NEPNNKAGAQYGVGYCDSQCPRDLKFIAGSANVQGWEPASNSANSGLGGNGSCCAELDIWEANSISAALTPHSADTVTQT
VCNGDDCGGTYSNDRYSGTTDPDGCDFNSYRQGDTSFYGPGKTVDTNSKFTVVTQFLTDSSGNLNEIKRFYVQNGVVIPN
SQSTIAGISGNSITQDYCTAQKQVFGDTNTWEDHGGFQSMTNAFKAGMVLVMSLWDDYYADMLWLDSVAYPTDADPSTPG
VARGTCSTTSGVPSDIESSAASAYVIYSNIKVGPINSTFSGT
;
_entity_poly.pdbx_strand_id   A
#
loop_
_chem_comp.id
_chem_comp.type
_chem_comp.name
_chem_comp.formula
MAN D-saccharide, alpha linking alpha-D-mannopyranose 'C6 H12 O6'
MG non-polymer 'MAGNESIUM ION' 'Mg 2'
NAG D-saccharide, beta linking 2-acetamido-2-deoxy-beta-D-glucopyranose 'C8 H15 N O6'
#
# COMPACT_ATOMS: atom_id res chain seq x y z
N PCA A 1 -15.71 -14.65 -4.46
CA PCA A 1 -16.43 -13.91 -5.47
CB PCA A 1 -15.77 -12.54 -5.48
CG PCA A 1 -14.45 -12.70 -4.73
CD PCA A 1 -14.60 -14.05 -4.07
OE PCA A 1 -13.81 -14.51 -3.27
C PCA A 1 -16.34 -14.52 -6.83
O PCA A 1 -15.32 -15.12 -7.19
N GLN A 2 -17.40 -14.35 -7.61
CA GLN A 2 -17.48 -14.93 -8.95
C GLN A 2 -16.90 -14.01 -10.02
N ILE A 3 -16.69 -14.60 -11.20
CA ILE A 3 -16.27 -13.84 -12.37
C ILE A 3 -17.50 -13.28 -13.07
N GLY A 4 -17.60 -11.96 -13.11
CA GLY A 4 -18.67 -11.28 -13.84
C GLY A 4 -18.45 -11.44 -15.33
N THR A 5 -19.52 -11.51 -16.10
CA THR A 5 -19.38 -11.71 -17.53
C THR A 5 -19.97 -10.57 -18.37
N LEU A 6 -20.32 -9.48 -17.70
CA LEU A 6 -20.98 -8.35 -18.36
C LEU A 6 -20.00 -7.34 -18.96
N THR A 7 -18.79 -7.27 -18.39
CA THR A 7 -17.74 -6.35 -18.85
C THR A 7 -16.41 -7.07 -18.88
N THR A 8 -15.78 -7.12 -20.05
CA THR A 8 -14.47 -7.75 -20.19
C THR A 8 -13.45 -7.09 -19.27
N GLU A 9 -12.60 -7.92 -18.68
CA GLU A 9 -11.50 -7.43 -17.85
C GLU A 9 -10.22 -7.50 -18.67
N THR A 10 -9.70 -6.33 -19.00
CA THR A 10 -8.43 -6.20 -19.71
C THR A 10 -7.46 -5.44 -18.82
N HIS A 11 -6.39 -6.13 -18.43
CA HIS A 11 -5.36 -5.56 -17.58
C HIS A 11 -4.44 -4.66 -18.42
N PRO A 12 -4.36 -3.36 -18.09
CA PRO A 12 -3.52 -2.44 -18.86
C PRO A 12 -2.03 -2.80 -18.75
N PRO A 13 -1.26 -2.60 -19.85
CA PRO A 13 0.13 -3.02 -19.89
C PRO A 13 1.05 -2.12 -19.07
N LEU A 14 2.04 -2.74 -18.44
CA LEU A 14 3.10 -2.01 -17.76
C LEU A 14 4.41 -2.76 -17.89
N THR A 15 5.37 -2.14 -18.59
CA THR A 15 6.70 -2.71 -18.73
C THR A 15 7.55 -2.32 -17.53
N TRP A 16 8.32 -3.28 -17.02
CA TRP A 16 9.25 -3.06 -15.92
C TRP A 16 10.51 -3.88 -16.18
N GLN A 17 11.59 -3.61 -15.45
CA GLN A 17 12.88 -4.19 -15.78
C GLN A 17 13.49 -5.07 -14.71
N THR A 18 14.16 -6.13 -15.16
CA THR A 18 15.02 -6.95 -14.33
C THR A 18 16.46 -6.62 -14.69
N CYS A 19 17.24 -6.21 -13.69
CA CYS A 19 18.66 -5.93 -13.89
C CYS A 19 19.53 -7.01 -13.24
N THR A 20 20.67 -7.31 -13.86
CA THR A 20 21.59 -8.32 -13.32
C THR A 20 22.86 -7.69 -12.77
N SER A 21 23.22 -6.55 -13.33
CA SER A 21 24.33 -5.72 -12.88
C SER A 21 24.15 -4.35 -13.50
N GLY A 22 24.92 -3.37 -13.01
CA GLY A 22 24.85 -2.00 -13.51
C GLY A 22 25.02 -1.94 -15.02
N GLY A 23 24.00 -1.43 -15.70
CA GLY A 23 24.03 -1.31 -17.16
C GLY A 23 23.51 -2.54 -17.88
N SER A 24 23.01 -3.50 -17.12
CA SER A 24 22.46 -4.72 -17.69
C SER A 24 21.04 -4.96 -17.19
N CYS A 25 20.07 -4.39 -17.90
CA CYS A 25 18.66 -4.55 -17.57
C CYS A 25 17.85 -5.00 -18.78
N THR A 26 16.89 -5.89 -18.54
CA THR A 26 16.01 -6.36 -19.58
C THR A 26 14.55 -6.16 -19.18
N THR A 27 13.69 -6.03 -20.19
CA THR A 27 12.30 -5.65 -19.96
C THR A 27 11.38 -6.84 -19.75
N ASN A 28 10.37 -6.64 -18.91
CA ASN A 28 9.32 -7.60 -18.67
C ASN A 28 7.99 -6.95 -19.02
N ASN A 29 7.18 -7.66 -19.80
N ASN A 29 7.16 -7.66 -19.76
CA ASN A 29 5.84 -7.19 -20.13
CA ASN A 29 5.84 -7.15 -20.14
C ASN A 29 4.85 -7.62 -19.06
C ASN A 29 4.76 -7.55 -19.14
N GLY A 30 4.66 -6.74 -18.08
CA GLY A 30 3.69 -6.98 -17.02
C GLY A 30 2.40 -6.25 -17.34
N LYS A 31 1.41 -6.44 -16.46
N LYS A 31 1.40 -6.45 -16.48
CA LYS A 31 0.11 -5.80 -16.58
CA LYS A 31 0.13 -5.75 -16.59
C LYS A 31 -0.34 -5.41 -15.18
C LYS A 31 -0.34 -5.40 -15.19
N VAL A 32 -1.29 -4.47 -15.08
CA VAL A 32 -1.82 -4.08 -13.78
C VAL A 32 -3.31 -4.43 -13.66
N VAL A 33 -3.73 -4.70 -12.43
CA VAL A 33 -5.11 -5.06 -12.13
C VAL A 33 -5.66 -4.21 -10.99
N LEU A 34 -6.91 -3.79 -11.10
CA LEU A 34 -7.61 -3.04 -10.07
C LEU A 34 -8.06 -3.94 -8.92
N ASP A 35 -7.86 -3.46 -7.70
CA ASP A 35 -8.35 -4.14 -6.50
C ASP A 35 -9.87 -4.34 -6.57
N ALA A 36 -10.30 -5.51 -6.10
CA ALA A 36 -11.70 -5.94 -6.14
C ALA A 36 -12.67 -4.97 -5.48
N ASN A 37 -12.22 -4.30 -4.41
CA ASN A 37 -13.09 -3.40 -3.65
C ASN A 37 -13.65 -2.23 -4.45
N TRP A 38 -12.97 -1.87 -5.54
CA TRP A 38 -13.39 -0.75 -6.39
C TRP A 38 -14.39 -1.15 -7.47
N ARG A 39 -14.56 -2.46 -7.67
CA ARG A 39 -15.35 -3.00 -8.77
C ARG A 39 -16.85 -3.02 -8.53
N TRP A 40 -17.60 -3.08 -9.62
CA TRP A 40 -19.01 -3.38 -9.58
C TRP A 40 -19.19 -4.83 -9.12
N LEU A 41 -20.07 -5.03 -8.15
CA LEU A 41 -20.35 -6.36 -7.61
C LEU A 41 -21.84 -6.64 -7.77
N HIS A 42 -22.17 -7.62 -8.59
CA HIS A 42 -23.56 -7.89 -8.93
C HIS A 42 -23.90 -9.38 -8.92
N SER A 43 -25.19 -9.67 -8.93
CA SER A 43 -25.69 -11.04 -9.02
C SER A 43 -25.14 -11.76 -10.25
N THR A 44 -24.87 -13.05 -10.08
CA THR A 44 -24.50 -13.92 -11.20
C THR A 44 -25.67 -14.10 -12.18
N SER A 45 -26.88 -13.75 -11.73
CA SER A 45 -28.13 -13.96 -12.48
C SER A 45 -28.46 -12.83 -13.43
N GLY A 46 -27.86 -11.66 -13.22
CA GLY A 46 -28.16 -10.48 -14.02
C GLY A 46 -27.33 -9.30 -13.59
N SER A 47 -27.97 -8.14 -13.50
N SER A 47 -27.98 -8.13 -13.51
CA SER A 47 -27.26 -6.88 -13.23
CA SER A 47 -27.27 -6.88 -13.22
C SER A 47 -27.53 -6.29 -11.85
C SER A 47 -27.53 -6.29 -11.85
N THR A 48 -28.34 -6.98 -11.04
CA THR A 48 -28.69 -6.50 -9.69
C THR A 48 -27.45 -6.45 -8.79
N ASN A 49 -27.20 -5.27 -8.22
CA ASN A 49 -26.07 -5.08 -7.29
C ASN A 49 -26.18 -5.93 -6.03
N CYS A 50 -25.06 -6.49 -5.61
CA CYS A 50 -24.95 -7.12 -4.30
C CYS A 50 -24.60 -6.10 -3.24
N TYR A 51 -24.01 -4.99 -3.70
CA TYR A 51 -23.52 -3.93 -2.84
C TYR A 51 -23.73 -2.61 -3.57
N THR A 52 -24.31 -1.64 -2.86
CA THR A 52 -24.61 -0.32 -3.44
C THR A 52 -24.31 0.74 -2.40
N GLY A 53 -23.57 1.77 -2.81
CA GLY A 53 -23.20 2.85 -1.90
C GLY A 53 -22.27 2.34 -0.82
N ASN A 54 -22.81 2.10 0.37
CA ASN A 54 -22.04 1.49 1.46
C ASN A 54 -22.76 0.37 2.22
N THR A 55 -23.79 -0.20 1.59
CA THR A 55 -24.52 -1.32 2.19
C THR A 55 -24.76 -2.45 1.20
N TRP A 56 -25.07 -3.62 1.75
CA TRP A 56 -25.28 -4.84 0.97
C TRP A 56 -26.75 -5.11 0.71
N ASN A 57 -27.03 -5.78 -0.40
CA ASN A 57 -28.32 -6.40 -0.62
C ASN A 57 -28.37 -7.70 0.17
N THR A 58 -29.22 -7.75 1.19
CA THR A 58 -29.24 -8.89 2.12
C THR A 58 -30.01 -10.11 1.60
N THR A 59 -30.71 -9.95 0.48
CA THR A 59 -31.31 -11.10 -0.20
C THR A 59 -30.23 -11.87 -0.96
N LEU A 60 -29.40 -11.15 -1.71
CA LEU A 60 -28.28 -11.77 -2.40
C LEU A 60 -27.19 -12.19 -1.43
N CYS A 61 -27.06 -11.44 -0.34
CA CYS A 61 -26.00 -11.66 0.64
C CYS A 61 -26.52 -11.79 2.08
N PRO A 62 -27.22 -12.91 2.38
CA PRO A 62 -27.75 -13.13 3.73
C PRO A 62 -26.68 -13.56 4.74
N ASP A 63 -25.57 -14.10 4.23
N ASP A 63 -25.59 -14.13 4.24
CA ASP A 63 -24.43 -14.52 5.04
CA ASP A 63 -24.42 -14.45 5.05
C ASP A 63 -23.19 -14.42 4.16
C ASP A 63 -23.19 -14.52 4.16
N ASP A 64 -22.01 -14.62 4.77
CA ASP A 64 -20.73 -14.52 4.06
C ASP A 64 -20.53 -15.53 2.93
N THR A 65 -21.00 -16.76 3.14
CA THR A 65 -20.81 -17.84 2.17
C THR A 65 -21.74 -17.67 0.96
N THR A 66 -23.04 -17.53 1.23
CA THR A 66 -24.05 -17.39 0.19
C THR A 66 -23.76 -16.16 -0.69
N CYS A 67 -23.35 -15.07 -0.05
CA CYS A 67 -22.95 -13.86 -0.76
C CYS A 67 -21.84 -14.15 -1.77
N ALA A 68 -20.82 -14.88 -1.34
CA ALA A 68 -19.72 -15.27 -2.23
C ALA A 68 -20.19 -16.16 -3.39
N GLN A 69 -21.17 -17.02 -3.14
CA GLN A 69 -21.76 -17.86 -4.19
C GLN A 69 -22.56 -17.03 -5.20
N ASN A 70 -23.24 -16.00 -4.70
CA ASN A 70 -24.23 -15.26 -5.48
C ASN A 70 -23.69 -14.06 -6.25
N CYS A 71 -22.48 -13.61 -5.89
CA CYS A 71 -22.02 -12.31 -6.34
C CYS A 71 -20.75 -12.36 -7.19
N ALA A 72 -20.76 -11.58 -8.27
CA ALA A 72 -19.68 -11.54 -9.22
C ALA A 72 -19.05 -10.16 -9.32
N LEU A 73 -17.72 -10.14 -9.38
CA LEU A 73 -16.95 -8.93 -9.66
C LEU A 73 -16.81 -8.82 -11.16
N ASP A 74 -17.02 -7.62 -11.70
CA ASP A 74 -16.93 -7.48 -13.15
C ASP A 74 -15.75 -6.62 -13.61
N GLY A 75 -15.60 -6.50 -14.92
CA GLY A 75 -14.47 -5.79 -15.52
C GLY A 75 -14.48 -4.30 -15.26
N ALA A 76 -13.31 -3.69 -15.38
CA ALA A 76 -13.12 -2.28 -15.04
C ALA A 76 -12.77 -1.42 -16.25
N ASP A 77 -13.40 -0.26 -16.33
CA ASP A 77 -13.00 0.78 -17.27
C ASP A 77 -11.89 1.58 -16.58
N TYR A 78 -10.65 1.16 -16.83
CA TYR A 78 -9.49 1.69 -16.10
C TYR A 78 -9.33 3.21 -16.20
N GLU A 79 -9.30 3.74 -17.42
CA GLU A 79 -9.11 5.17 -17.62
C GLU A 79 -10.38 5.96 -17.33
N GLY A 80 -11.50 5.50 -17.88
CA GLY A 80 -12.77 6.24 -17.82
C GLY A 80 -13.43 6.32 -16.46
N THR A 81 -13.41 5.22 -15.72
CA THR A 81 -14.05 5.17 -14.42
C THR A 81 -13.06 5.48 -13.29
N TYR A 82 -11.84 4.98 -13.41
CA TYR A 82 -10.92 4.99 -12.29
C TYR A 82 -9.73 5.92 -12.41
N GLY A 83 -9.55 6.52 -13.59
CA GLY A 83 -8.45 7.46 -13.83
C GLY A 83 -7.08 6.81 -13.77
N ILE A 84 -7.04 5.53 -14.17
CA ILE A 84 -5.80 4.75 -14.19
C ILE A 84 -5.32 4.66 -15.63
N THR A 85 -4.11 5.16 -15.89
CA THR A 85 -3.49 5.09 -17.20
C THR A 85 -2.16 4.38 -17.11
N ALA A 86 -2.12 3.15 -17.61
CA ALA A 86 -0.88 2.39 -17.67
C ALA A 86 -0.47 2.24 -19.12
N SER A 87 0.66 2.84 -19.46
N SER A 87 0.68 2.83 -19.46
CA SER A 87 1.21 2.78 -20.81
CA SER A 87 1.21 2.78 -20.82
C SER A 87 2.73 2.84 -20.73
C SER A 87 2.72 2.92 -20.82
N GLY A 88 3.40 2.11 -21.63
CA GLY A 88 4.85 2.07 -21.66
C GLY A 88 5.39 1.59 -20.32
N ASN A 89 6.28 2.40 -19.73
N ASN A 89 6.26 2.39 -19.71
CA ASN A 89 6.89 2.13 -18.45
CA ASN A 89 6.83 2.06 -18.41
C ASN A 89 6.16 2.82 -17.30
C ASN A 89 6.22 2.88 -17.29
N SER A 90 5.07 3.52 -17.60
N SER A 90 5.09 3.53 -17.55
CA SER A 90 4.45 4.39 -16.62
CA SER A 90 4.50 4.44 -16.57
C SER A 90 3.07 3.95 -16.17
C SER A 90 3.06 4.09 -16.19
N LEU A 91 2.75 4.24 -14.91
CA LEU A 91 1.42 4.05 -14.36
C LEU A 91 0.99 5.35 -13.69
N ARG A 92 -0.03 5.98 -14.25
CA ARG A 92 -0.60 7.18 -13.64
C ARG A 92 -1.90 6.84 -12.94
N LEU A 93 -2.02 7.29 -11.69
CA LEU A 93 -3.26 7.17 -10.92
C LEU A 93 -3.77 8.56 -10.58
N ASN A 94 -5.01 8.84 -10.98
CA ASN A 94 -5.68 10.09 -10.65
C ASN A 94 -6.49 9.96 -9.35
N PHE A 95 -6.52 11.04 -8.57
CA PHE A 95 -7.19 11.05 -7.28
C PHE A 95 -8.72 11.01 -7.40
N VAL A 96 -9.29 11.96 -8.14
CA VAL A 96 -10.74 12.00 -8.32
C VAL A 96 -11.08 11.90 -9.80
N THR A 97 -11.94 10.97 -10.15
CA THR A 97 -12.45 10.85 -11.50
C THR A 97 -13.98 10.98 -11.42
N ASN A 98 -14.51 11.99 -12.07
CA ASN A 98 -15.95 12.21 -12.10
C ASN A 98 -16.43 11.83 -13.49
N GLY A 99 -16.54 10.52 -13.69
CA GLY A 99 -17.11 9.95 -14.92
C GLY A 99 -18.60 9.83 -14.78
N SER A 100 -19.11 8.61 -14.98
CA SER A 100 -20.53 8.33 -14.77
C SER A 100 -20.90 8.48 -13.29
N GLN A 101 -19.95 8.14 -12.42
CA GLN A 101 -20.06 8.40 -10.99
C GLN A 101 -18.72 8.92 -10.45
N LYS A 102 -18.71 9.33 -9.19
CA LYS A 102 -17.50 9.83 -8.56
C LYS A 102 -16.63 8.68 -8.05
N ASN A 103 -15.39 8.63 -8.52
CA ASN A 103 -14.42 7.68 -8.00
C ASN A 103 -13.27 8.38 -7.29
N VAL A 104 -12.94 7.91 -6.10
CA VAL A 104 -11.83 8.45 -5.33
C VAL A 104 -10.74 7.39 -5.18
N GLY A 105 -9.57 7.70 -5.74
CA GLY A 105 -8.38 6.87 -5.60
C GLY A 105 -8.47 5.51 -6.26
N SER A 106 -7.45 4.70 -6.04
CA SER A 106 -7.37 3.36 -6.60
C SER A 106 -6.26 2.58 -5.90
N ARG A 107 -6.35 1.26 -6.01
CA ARG A 107 -5.28 0.37 -5.58
C ARG A 107 -5.12 -0.67 -6.70
N THR A 108 -3.88 -0.84 -7.15
CA THR A 108 -3.57 -1.75 -8.26
C THR A 108 -2.44 -2.71 -7.89
N TYR A 109 -2.39 -3.85 -8.59
CA TYR A 109 -1.31 -4.83 -8.40
C TYR A 109 -0.66 -5.19 -9.72
N LEU A 110 0.63 -5.48 -9.68
CA LEU A 110 1.36 -5.93 -10.85
C LEU A 110 1.12 -7.42 -11.11
N MET A 111 0.78 -7.74 -12.36
N MET A 111 0.78 -7.74 -12.36
CA MET A 111 0.51 -9.12 -12.74
CA MET A 111 0.48 -9.10 -12.78
C MET A 111 1.61 -9.73 -13.59
C MET A 111 1.60 -9.73 -13.60
N LYS A 112 1.81 -11.03 -13.40
CA LYS A 112 2.73 -11.82 -14.23
C LYS A 112 1.98 -12.35 -15.46
N ASP A 113 0.77 -12.84 -15.24
CA ASP A 113 -0.14 -13.20 -16.34
C ASP A 113 -1.56 -12.86 -15.92
N ASP A 114 -2.54 -13.28 -16.72
CA ASP A 114 -3.93 -12.89 -16.53
C ASP A 114 -4.53 -13.34 -15.19
N THR A 115 -3.98 -14.41 -14.62
CA THR A 115 -4.53 -15.01 -13.41
C THR A 115 -3.52 -15.09 -12.26
N HIS A 116 -2.38 -14.43 -12.38
CA HIS A 116 -1.38 -14.44 -11.31
C HIS A 116 -0.70 -13.10 -11.12
N TYR A 117 -0.61 -12.67 -9.86
CA TYR A 117 0.22 -11.54 -9.50
C TYR A 117 1.68 -11.91 -9.68
N GLN A 118 2.49 -10.92 -10.04
CA GLN A 118 3.93 -11.07 -9.99
C GLN A 118 4.34 -11.14 -8.53
N THR A 119 5.27 -12.03 -8.19
CA THR A 119 5.80 -12.04 -6.83
C THR A 119 7.28 -11.68 -6.79
N PHE A 120 7.70 -11.11 -5.66
CA PHE A 120 9.07 -10.66 -5.47
C PHE A 120 9.66 -11.19 -4.17
N ASN A 121 10.90 -11.63 -4.25
CA ASN A 121 11.72 -11.88 -3.06
C ASN A 121 12.92 -10.95 -3.15
N LEU A 122 12.88 -9.86 -2.38
CA LEU A 122 13.88 -8.79 -2.51
C LEU A 122 15.12 -8.96 -1.64
N LEU A 123 15.27 -10.10 -0.97
CA LEU A 123 16.48 -10.32 -0.16
C LEU A 123 17.71 -10.21 -1.07
N ASN A 124 18.66 -9.36 -0.66
CA ASN A 124 19.88 -9.06 -1.44
C ASN A 124 19.58 -8.43 -2.79
N GLN A 125 18.42 -7.81 -2.90
CA GLN A 125 18.03 -7.11 -4.11
C GLN A 125 17.65 -5.68 -3.78
N GLU A 126 17.52 -4.87 -4.81
CA GLU A 126 16.95 -3.55 -4.67
C GLU A 126 15.75 -3.38 -5.59
N PHE A 127 14.77 -2.62 -5.11
CA PHE A 127 13.64 -2.22 -5.91
C PHE A 127 13.79 -0.74 -6.16
N THR A 128 13.66 -0.34 -7.43
CA THR A 128 13.91 1.02 -7.86
C THR A 128 12.79 1.46 -8.80
N PHE A 129 12.35 2.71 -8.64
CA PHE A 129 11.32 3.28 -9.49
C PHE A 129 11.45 4.79 -9.56
N ASP A 130 10.89 5.38 -10.62
CA ASP A 130 10.77 6.83 -10.70
C ASP A 130 9.38 7.24 -10.27
N VAL A 131 9.28 8.42 -9.65
CA VAL A 131 7.98 8.91 -9.21
C VAL A 131 7.88 10.42 -9.40
N ASP A 132 6.69 10.86 -9.79
CA ASP A 132 6.36 12.27 -9.81
C ASP A 132 5.25 12.48 -8.78
N VAL A 133 5.59 13.17 -7.70
CA VAL A 133 4.66 13.46 -6.61
C VAL A 133 4.27 14.94 -6.57
N SER A 134 4.69 15.69 -7.61
CA SER A 134 4.47 17.14 -7.63
C SER A 134 2.99 17.52 -7.53
N GLY A 135 2.12 16.66 -8.03
CA GLY A 135 0.68 16.89 -7.97
C GLY A 135 0.01 16.33 -6.72
N LEU A 136 0.80 15.99 -5.70
CA LEU A 136 0.25 15.43 -4.46
C LEU A 136 0.39 16.41 -3.28
N PRO A 137 -0.69 17.10 -2.91
CA PRO A 137 -0.63 18.04 -1.80
C PRO A 137 -0.86 17.36 -0.44
N CYS A 138 -0.94 18.16 0.61
CA CYS A 138 -1.27 17.67 1.95
C CYS A 138 -2.48 16.76 1.92
N GLY A 139 -2.38 15.63 2.63
CA GLY A 139 -3.50 14.71 2.76
C GLY A 139 -3.54 13.58 1.76
N LEU A 140 -2.68 13.65 0.74
CA LEU A 140 -2.58 12.59 -0.26
C LEU A 140 -1.46 11.60 0.05
N ASN A 141 -1.68 10.35 -0.34
CA ASN A 141 -0.68 9.30 -0.24
C ASN A 141 -0.61 8.52 -1.53
N GLY A 142 0.46 8.72 -2.29
CA GLY A 142 0.81 7.82 -3.39
C GLY A 142 1.66 6.74 -2.78
N ALA A 143 1.09 5.54 -2.63
CA ALA A 143 1.80 4.45 -1.98
C ALA A 143 2.20 3.37 -2.98
N LEU A 144 3.49 3.01 -2.94
CA LEU A 144 4.00 1.86 -3.65
C LEU A 144 4.58 0.94 -2.59
N TYR A 145 4.06 -0.28 -2.53
CA TYR A 145 4.39 -1.19 -1.43
C TYR A 145 4.19 -2.65 -1.78
N MET A 146 4.49 -3.52 -0.83
CA MET A 146 4.41 -4.94 -1.04
C MET A 146 3.74 -5.67 0.11
N VAL A 147 2.90 -6.64 -0.23
CA VAL A 147 2.24 -7.50 0.74
C VAL A 147 2.28 -8.94 0.22
N PRO A 148 2.41 -9.92 1.12
CA PRO A 148 2.46 -11.31 0.65
C PRO A 148 1.07 -11.89 0.37
N MET A 149 0.39 -11.30 -0.61
CA MET A 149 -0.87 -11.85 -1.13
C MET A 149 -0.60 -13.14 -1.89
N ALA A 150 -1.56 -14.06 -1.87
CA ALA A 150 -1.47 -15.28 -2.66
C ALA A 150 -1.38 -14.93 -4.14
N ALA A 151 -0.40 -15.50 -4.84
CA ALA A 151 -0.14 -15.16 -6.24
C ALA A 151 -1.35 -15.35 -7.14
N ASP A 152 -2.18 -16.35 -6.83
CA ASP A 152 -3.36 -16.66 -7.62
C ASP A 152 -4.62 -15.95 -7.11
N GLY A 153 -4.44 -15.07 -6.13
CA GLY A 153 -5.56 -14.34 -5.53
C GLY A 153 -6.39 -15.16 -4.56
N GLY A 154 -5.92 -16.37 -4.26
CA GLY A 154 -6.55 -17.25 -3.28
C GLY A 154 -7.39 -18.40 -3.83
N VAL A 155 -7.49 -18.49 -5.15
N VAL A 155 -7.49 -18.46 -5.15
CA VAL A 155 -8.42 -19.44 -5.79
CA VAL A 155 -8.34 -19.41 -5.86
C VAL A 155 -8.14 -20.93 -5.54
C VAL A 155 -8.14 -20.88 -5.47
N SER A 156 -6.87 -21.29 -5.35
CA SER A 156 -6.51 -22.71 -5.15
C SER A 156 -7.18 -23.44 -3.97
N ASN A 157 -7.42 -22.72 -2.87
CA ASN A 157 -8.07 -23.33 -1.71
C ASN A 157 -9.32 -22.59 -1.24
N GLU A 158 -9.90 -21.80 -2.15
CA GLU A 158 -11.12 -21.05 -1.84
C GLU A 158 -12.17 -21.33 -2.92
N PRO A 159 -13.01 -22.36 -2.70
CA PRO A 159 -13.97 -22.79 -3.72
C PRO A 159 -14.95 -21.72 -4.23
N ASN A 160 -15.34 -20.78 -3.37
CA ASN A 160 -16.24 -19.69 -3.77
C ASN A 160 -15.53 -18.47 -4.37
N ASN A 161 -14.22 -18.57 -4.51
CA ASN A 161 -13.41 -17.53 -5.14
C ASN A 161 -12.96 -17.98 -6.52
N LYS A 162 -13.69 -17.55 -7.55
CA LYS A 162 -13.30 -17.79 -8.94
C LYS A 162 -12.60 -16.58 -9.55
N ALA A 163 -12.93 -15.38 -9.06
CA ALA A 163 -12.39 -14.14 -9.60
C ALA A 163 -10.87 -14.01 -9.43
N GLY A 164 -10.37 -14.31 -8.23
CA GLY A 164 -8.93 -14.34 -7.95
C GLY A 164 -8.11 -13.13 -8.36
N ALA A 165 -6.84 -13.37 -8.70
CA ALA A 165 -5.92 -12.31 -9.11
C ALA A 165 -6.42 -11.54 -10.33
N GLN A 166 -7.14 -12.24 -11.22
CA GLN A 166 -7.69 -11.64 -12.42
C GLN A 166 -8.56 -10.40 -12.11
N TYR A 167 -9.20 -10.41 -10.95
CA TYR A 167 -10.07 -9.31 -10.54
C TYR A 167 -9.58 -8.61 -9.27
N GLY A 168 -8.29 -8.77 -8.97
CA GLY A 168 -7.67 -8.05 -7.86
C GLY A 168 -8.16 -8.49 -6.50
N VAL A 169 -8.49 -9.77 -6.38
CA VAL A 169 -8.94 -10.37 -5.12
C VAL A 169 -7.73 -10.79 -4.28
N GLY A 170 -7.87 -10.74 -2.96
CA GLY A 170 -6.87 -11.30 -2.06
C GLY A 170 -6.09 -10.33 -1.19
N TYR A 171 -6.45 -9.04 -1.24
CA TYR A 171 -5.73 -8.06 -0.44
C TYR A 171 -5.71 -8.38 1.06
N CYS A 172 -4.56 -8.12 1.66
CA CYS A 172 -4.35 -8.12 3.10
C CYS A 172 -3.27 -7.09 3.36
N ASP A 173 -3.23 -6.54 4.58
CA ASP A 173 -2.08 -5.76 5.00
C ASP A 173 -1.91 -5.72 6.52
N SER A 174 -0.96 -4.94 7.00
CA SER A 174 -0.61 -4.92 8.41
C SER A 174 -1.62 -4.18 9.30
N GLN A 175 -2.61 -3.54 8.67
CA GLN A 175 -3.69 -2.88 9.39
C GLN A 175 -4.88 -3.80 9.61
N CYS A 176 -4.80 -5.01 9.04
CA CYS A 176 -5.89 -5.98 9.07
C CYS A 176 -7.22 -5.34 8.63
N PRO A 177 -7.26 -4.76 7.41
CA PRO A 177 -8.42 -3.96 6.98
C PRO A 177 -9.73 -4.72 7.03
N ARG A 178 -10.75 -4.08 7.60
CA ARG A 178 -12.08 -4.65 7.72
C ARG A 178 -13.06 -4.09 6.68
N ASP A 179 -12.59 -3.12 5.89
CA ASP A 179 -13.43 -2.52 4.84
C ASP A 179 -13.49 -3.36 3.56
N LEU A 180 -12.81 -4.50 3.55
CA LEU A 180 -12.81 -5.37 2.38
C LEU A 180 -14.12 -6.13 2.25
N LYS A 181 -14.66 -6.14 1.04
CA LYS A 181 -15.91 -6.85 0.76
C LYS A 181 -15.71 -8.35 0.70
N PHE A 182 -14.52 -8.78 0.25
CA PHE A 182 -14.17 -10.19 0.18
C PHE A 182 -12.84 -10.47 0.85
N ILE A 183 -12.85 -11.45 1.76
CA ILE A 183 -11.65 -11.86 2.48
C ILE A 183 -11.59 -13.39 2.45
N ALA A 184 -10.50 -13.93 1.92
CA ALA A 184 -10.21 -15.38 1.94
C ALA A 184 -11.33 -16.26 1.38
N GLY A 185 -11.96 -15.80 0.30
CA GLY A 185 -12.98 -16.59 -0.40
C GLY A 185 -14.38 -16.49 0.15
N SER A 186 -14.59 -15.56 1.09
N SER A 186 -14.60 -15.54 1.05
CA SER A 186 -15.90 -15.30 1.67
CA SER A 186 -15.90 -15.30 1.66
C SER A 186 -16.20 -13.81 1.56
C SER A 186 -16.20 -13.82 1.63
N ALA A 187 -17.48 -13.46 1.55
CA ALA A 187 -17.88 -12.06 1.64
C ALA A 187 -17.73 -11.58 3.08
N ASN A 188 -17.87 -10.27 3.29
CA ASN A 188 -17.71 -9.67 4.61
C ASN A 188 -18.97 -8.91 5.01
N VAL A 189 -20.12 -9.39 4.51
CA VAL A 189 -21.44 -8.79 4.79
C VAL A 189 -21.84 -8.92 6.25
N GLN A 190 -21.49 -10.04 6.88
CA GLN A 190 -21.83 -10.27 8.29
C GLN A 190 -21.11 -9.26 9.19
N GLY A 191 -21.89 -8.52 9.96
CA GLY A 191 -21.37 -7.48 10.82
C GLY A 191 -21.05 -6.17 10.13
N TRP A 192 -21.40 -6.06 8.84
CA TRP A 192 -21.13 -4.85 8.06
C TRP A 192 -21.90 -3.66 8.62
N GLU A 193 -21.17 -2.58 8.88
CA GLU A 193 -21.76 -1.34 9.36
C GLU A 193 -21.15 -0.16 8.63
N PRO A 194 -21.98 0.82 8.23
CA PRO A 194 -21.43 2.07 7.71
C PRO A 194 -20.52 2.75 8.73
N ALA A 195 -19.48 3.43 8.26
CA ALA A 195 -18.51 4.08 9.13
C ALA A 195 -17.84 5.25 8.40
N SER A 196 -17.95 6.44 8.99
CA SER A 196 -17.47 7.67 8.35
C SER A 196 -15.96 7.70 8.14
N ASN A 197 -15.22 7.00 9.00
CA ASN A 197 -13.76 7.02 8.96
C ASN A 197 -13.11 5.84 8.22
N SER A 198 -13.90 5.21 7.36
CA SER A 198 -13.41 4.17 6.45
C SER A 198 -13.35 4.74 5.03
N ALA A 199 -12.37 4.29 4.26
CA ALA A 199 -12.18 4.71 2.86
C ALA A 199 -13.45 4.54 2.03
N ASN A 200 -14.11 3.40 2.20
CA ASN A 200 -15.35 3.11 1.47
C ASN A 200 -16.62 3.28 2.32
N SER A 201 -16.48 3.96 3.46
N SER A 201 -16.48 3.96 3.46
CA SER A 201 -17.59 4.27 4.38
CA SER A 201 -17.58 4.27 4.37
C SER A 201 -18.29 3.04 4.98
C SER A 201 -18.28 3.04 4.97
N GLY A 202 -17.53 1.96 5.15
CA GLY A 202 -18.07 0.71 5.75
C GLY A 202 -17.04 -0.25 6.30
N LEU A 203 -17.44 -1.05 7.29
CA LEU A 203 -16.55 -2.03 7.93
C LEU A 203 -17.30 -3.33 8.25
N GLY A 204 -16.71 -4.46 7.89
CA GLY A 204 -17.30 -5.77 8.17
C GLY A 204 -16.78 -6.44 9.42
N GLY A 205 -17.32 -7.61 9.73
CA GLY A 205 -16.95 -8.36 10.92
C GLY A 205 -15.51 -8.84 10.91
N ASN A 206 -14.96 -9.08 9.71
CA ASN A 206 -13.62 -9.63 9.59
C ASN A 206 -12.61 -8.72 8.94
N GLY A 207 -11.35 -8.91 9.32
CA GLY A 207 -10.24 -8.19 8.74
C GLY A 207 -9.27 -9.12 8.04
N SER A 208 -8.44 -8.55 7.18
CA SER A 208 -7.52 -9.32 6.36
C SER A 208 -6.08 -8.94 6.68
N CYS A 209 -5.42 -9.79 7.47
CA CYS A 209 -4.08 -9.50 7.99
C CYS A 209 -2.97 -10.14 7.18
N CYS A 210 -1.85 -9.42 7.05
CA CYS A 210 -0.57 -10.00 6.63
C CYS A 210 0.55 -8.99 6.87
N ALA A 211 1.80 -9.42 6.65
CA ALA A 211 2.95 -8.50 6.73
C ALA A 211 2.85 -7.45 5.62
N GLU A 212 3.62 -6.38 5.74
CA GLU A 212 3.51 -5.27 4.79
C GLU A 212 4.81 -4.48 4.74
N LEU A 213 5.35 -4.35 3.54
CA LEU A 213 6.55 -3.56 3.31
C LEU A 213 6.18 -2.28 2.57
N ASP A 214 6.05 -1.19 3.32
CA ASP A 214 5.73 0.09 2.71
C ASP A 214 6.99 0.75 2.17
N ILE A 215 7.35 0.36 0.95
CA ILE A 215 8.53 0.91 0.29
C ILE A 215 8.41 2.42 0.19
N TRP A 216 7.22 2.91 -0.12
CA TRP A 216 7.01 4.30 -0.46
C TRP A 216 5.60 4.73 -0.10
N GLU A 217 5.51 5.66 0.84
CA GLU A 217 4.25 6.35 1.12
C GLU A 217 4.60 7.82 1.15
N ALA A 218 4.03 8.59 0.22
CA ALA A 218 4.49 9.95 0.02
C ALA A 218 3.56 10.88 -0.71
N ASN A 219 3.77 12.16 -0.45
CA ASN A 219 3.25 13.24 -1.29
C ASN A 219 4.39 14.23 -1.52
N SER A 220 4.06 15.44 -1.95
CA SER A 220 5.10 16.43 -2.24
C SER A 220 5.73 17.04 -0.99
N ILE A 221 5.13 16.76 0.18
CA ILE A 221 5.59 17.30 1.46
C ILE A 221 6.51 16.33 2.19
N SER A 222 6.05 15.09 2.39
CA SER A 222 6.80 14.11 3.18
C SER A 222 6.70 12.71 2.58
N ALA A 223 7.68 11.89 2.92
CA ALA A 223 7.78 10.51 2.48
C ALA A 223 8.15 9.63 3.66
N ALA A 224 7.64 8.40 3.66
CA ALA A 224 7.97 7.42 4.68
C ALA A 224 8.25 6.04 4.06
N LEU A 225 9.27 5.38 4.59
CA LEU A 225 9.61 4.00 4.26
C LEU A 225 9.37 3.19 5.53
N THR A 226 8.50 2.19 5.45
CA THR A 226 8.04 1.50 6.66
C THR A 226 7.77 0.01 6.46
N PRO A 227 8.71 -0.85 6.89
CA PRO A 227 8.37 -2.27 7.02
C PRO A 227 7.46 -2.51 8.23
N HIS A 228 6.51 -3.43 8.08
CA HIS A 228 5.60 -3.86 9.14
C HIS A 228 5.68 -5.37 9.27
N SER A 229 5.85 -5.86 10.50
CA SER A 229 5.91 -7.30 10.76
C SER A 229 4.53 -7.91 11.01
N ALA A 230 4.49 -9.24 11.02
CA ALA A 230 3.27 -9.99 11.35
C ALA A 230 3.65 -11.39 11.83
N ASP A 231 2.90 -11.92 12.80
CA ASP A 231 3.13 -13.26 13.31
C ASP A 231 3.13 -14.28 12.20
N THR A 232 2.10 -14.20 11.35
CA THR A 232 1.98 -14.99 10.13
C THR A 232 2.06 -14.01 8.97
N VAL A 233 3.03 -14.22 8.08
CA VAL A 233 3.33 -13.20 7.07
C VAL A 233 2.31 -13.15 5.93
N THR A 234 1.68 -14.27 5.65
CA THR A 234 0.65 -14.35 4.62
C THR A 234 -0.71 -14.10 5.24
N GLN A 235 -1.76 -14.13 4.42
CA GLN A 235 -3.10 -13.76 4.87
C GLN A 235 -3.62 -14.61 6.04
N THR A 236 -4.13 -13.91 7.05
CA THR A 236 -4.96 -14.54 8.08
C THR A 236 -6.23 -13.71 8.24
N VAL A 237 -7.28 -14.36 8.71
CA VAL A 237 -8.57 -13.70 8.95
C VAL A 237 -8.71 -13.43 10.44
N CYS A 238 -9.06 -12.19 10.78
CA CYS A 238 -9.28 -11.81 12.17
C CYS A 238 -10.73 -11.40 12.40
N ASN A 239 -11.14 -11.38 13.67
N ASN A 239 -11.18 -11.41 13.65
CA ASN A 239 -12.51 -11.08 14.09
CA ASN A 239 -12.55 -11.06 13.96
C ASN A 239 -12.60 -9.78 14.87
C ASN A 239 -12.70 -9.84 14.87
N GLY A 240 -13.30 -8.79 14.31
CA GLY A 240 -13.61 -7.55 15.03
C GLY A 240 -12.45 -6.85 15.70
N ASP A 241 -12.61 -6.53 16.99
CA ASP A 241 -11.58 -5.84 17.76
C ASP A 241 -10.29 -6.63 17.91
N ASP A 242 -10.39 -7.96 17.87
CA ASP A 242 -9.22 -8.82 17.97
C ASP A 242 -8.25 -8.65 16.80
N CYS A 243 -8.74 -8.00 15.74
CA CYS A 243 -7.90 -7.64 14.59
C CYS A 243 -6.74 -6.72 14.96
N GLY A 244 -6.94 -5.87 15.96
CA GLY A 244 -6.05 -4.74 16.19
C GLY A 244 -6.11 -3.80 15.00
N GLY A 245 -5.14 -2.91 14.89
CA GLY A 245 -5.10 -1.97 13.79
C GLY A 245 -6.09 -0.82 13.93
N THR A 246 -6.40 -0.20 12.80
CA THR A 246 -7.05 1.11 12.74
C THR A 246 -8.38 1.26 13.50
N TYR A 247 -9.26 0.26 13.40
CA TYR A 247 -10.63 0.40 13.89
C TYR A 247 -10.97 -0.40 15.15
N SER A 248 -9.95 -1.02 15.73
CA SER A 248 -10.09 -1.79 16.97
C SER A 248 -10.09 -0.87 18.18
N ASN A 249 -10.72 -1.34 19.26
CA ASN A 249 -10.67 -0.65 20.56
C ASN A 249 -9.27 -0.69 21.18
N ASP A 250 -8.48 -1.68 20.74
CA ASP A 250 -7.08 -1.80 21.13
C ASP A 250 -6.23 -2.03 19.89
N ARG A 251 -5.60 -0.95 19.42
CA ARG A 251 -4.81 -0.94 18.19
C ARG A 251 -3.74 -2.03 18.16
N TYR A 252 -3.16 -2.34 19.31
CA TYR A 252 -2.01 -3.23 19.39
C TYR A 252 -2.33 -4.65 19.89
N SER A 253 -3.61 -5.00 19.90
CA SER A 253 -4.06 -6.29 20.43
C SER A 253 -4.08 -7.42 19.38
N GLY A 254 -3.69 -7.10 18.15
CA GLY A 254 -3.75 -8.07 17.06
C GLY A 254 -2.45 -8.84 16.80
N THR A 255 -2.39 -9.50 15.66
CA THR A 255 -1.28 -10.37 15.30
C THR A 255 -0.31 -9.71 14.32
N THR A 256 -0.57 -8.45 14.00
CA THR A 256 0.30 -7.69 13.09
C THR A 256 0.80 -6.42 13.76
N ASP A 257 1.80 -5.82 13.11
CA ASP A 257 2.40 -4.56 13.54
C ASP A 257 1.80 -3.42 12.71
N PRO A 258 0.83 -2.67 13.29
CA PRO A 258 0.14 -1.65 12.52
C PRO A 258 0.93 -0.35 12.33
N ASP A 259 2.02 -0.19 13.08
CA ASP A 259 2.80 1.06 13.03
C ASP A 259 4.05 0.97 12.18
N GLY A 260 4.73 -0.18 12.27
CA GLY A 260 5.94 -0.41 11.49
C GLY A 260 7.17 0.30 12.03
N CYS A 261 8.33 -0.01 11.45
CA CYS A 261 9.53 0.73 11.77
C CYS A 261 9.79 1.71 10.64
N ASP A 262 9.40 2.96 10.86
CA ASP A 262 9.36 3.97 9.81
C ASP A 262 10.62 4.83 9.73
N PHE A 263 10.98 5.21 8.52
CA PHE A 263 11.95 6.27 8.30
C PHE A 263 11.34 7.34 7.40
N ASN A 264 11.02 8.47 8.02
CA ASN A 264 10.57 9.69 7.37
C ASN A 264 11.62 10.73 7.71
N SER A 265 12.33 11.23 6.70
CA SER A 265 13.47 12.13 6.93
C SER A 265 13.13 13.32 7.85
N TYR A 266 11.95 13.88 7.63
CA TYR A 266 11.44 15.02 8.41
C TYR A 266 11.16 14.61 9.85
N ARG A 267 10.49 13.46 10.03
CA ARG A 267 10.23 12.93 11.37
C ARG A 267 11.55 12.63 12.09
N GLN A 268 12.56 12.25 11.31
CA GLN A 268 13.88 11.97 11.88
C GLN A 268 14.77 13.20 12.01
N GLY A 269 14.15 14.38 11.91
CA GLY A 269 14.79 15.64 12.30
C GLY A 269 15.36 16.50 11.19
N ASP A 270 15.37 15.98 9.96
CA ASP A 270 15.92 16.73 8.84
C ASP A 270 14.79 17.27 7.95
N THR A 271 14.50 18.55 8.11
CA THR A 271 13.39 19.20 7.43
C THR A 271 13.81 19.82 6.09
N SER A 272 15.09 19.74 5.77
CA SER A 272 15.65 20.35 4.55
C SER A 272 15.84 19.33 3.42
N PHE A 273 15.57 18.06 3.70
CA PHE A 273 15.97 16.99 2.80
C PHE A 273 14.97 16.67 1.69
N TYR A 274 13.71 16.48 2.06
CA TYR A 274 12.67 16.02 1.14
C TYR A 274 11.50 16.99 1.13
N GLY A 275 11.15 17.47 -0.06
CA GLY A 275 10.02 18.38 -0.20
C GLY A 275 10.24 19.35 -1.35
N PRO A 276 9.36 20.37 -1.46
CA PRO A 276 9.45 21.30 -2.57
C PRO A 276 10.73 22.14 -2.51
N GLY A 277 11.54 22.06 -3.56
CA GLY A 277 12.80 22.79 -3.64
C GLY A 277 13.92 22.28 -2.75
N LYS A 278 13.71 21.12 -2.12
CA LYS A 278 14.68 20.56 -1.18
C LYS A 278 15.68 19.64 -1.87
N THR A 279 16.56 19.00 -1.10
CA THR A 279 17.62 18.13 -1.65
C THR A 279 17.05 17.10 -2.63
N VAL A 280 15.99 16.41 -2.20
CA VAL A 280 15.14 15.65 -3.10
C VAL A 280 13.96 16.58 -3.38
N ASP A 281 13.95 17.13 -4.59
CA ASP A 281 13.03 18.20 -4.97
C ASP A 281 11.73 17.63 -5.55
N THR A 282 10.67 17.70 -4.75
CA THR A 282 9.40 17.10 -5.14
C THR A 282 8.66 17.85 -6.24
N ASN A 283 9.22 18.97 -6.69
CA ASN A 283 8.65 19.67 -7.85
C ASN A 283 8.85 18.91 -9.15
N SER A 284 9.85 18.02 -9.16
CA SER A 284 10.18 17.24 -10.34
C SER A 284 10.31 15.76 -10.04
N LYS A 285 10.27 14.95 -11.09
CA LYS A 285 10.47 13.51 -10.99
C LYS A 285 11.81 13.17 -10.34
N PHE A 286 11.84 12.08 -9.59
CA PHE A 286 13.08 11.56 -9.03
C PHE A 286 13.03 10.04 -8.95
N THR A 287 14.22 9.44 -8.82
CA THR A 287 14.37 8.00 -8.70
C THR A 287 14.47 7.63 -7.23
N VAL A 288 13.76 6.58 -6.83
CA VAL A 288 13.77 6.07 -5.46
C VAL A 288 14.34 4.66 -5.47
N VAL A 289 15.49 4.47 -4.82
CA VAL A 289 16.17 3.18 -4.72
C VAL A 289 16.02 2.65 -3.29
N THR A 290 15.58 1.40 -3.15
CA THR A 290 15.44 0.79 -1.85
C THR A 290 16.12 -0.58 -1.86
N GLN A 291 17.12 -0.72 -1.00
CA GLN A 291 17.99 -1.89 -0.96
C GLN A 291 17.70 -2.75 0.26
N PHE A 292 17.76 -4.07 0.06
CA PHE A 292 17.42 -5.01 1.12
C PHE A 292 18.62 -5.89 1.43
N LEU A 293 19.41 -5.44 2.39
N LEU A 293 19.40 -5.46 2.40
CA LEU A 293 20.66 -6.12 2.75
CA LEU A 293 20.66 -6.10 2.76
C LEU A 293 20.42 -7.19 3.80
C LEU A 293 20.45 -7.16 3.83
N THR A 294 21.28 -8.19 3.80
CA THR A 294 21.15 -9.32 4.72
C THR A 294 22.39 -9.50 5.59
N ASP A 295 22.25 -10.29 6.66
CA ASP A 295 23.41 -10.75 7.40
C ASP A 295 24.06 -11.92 6.65
N SER A 296 25.06 -12.55 7.26
CA SER A 296 25.78 -13.66 6.61
C SER A 296 24.94 -14.92 6.43
N SER A 297 23.75 -14.94 7.05
CA SER A 297 22.84 -16.08 6.97
C SER A 297 21.68 -15.84 6.00
N GLY A 298 21.70 -14.70 5.32
CA GLY A 298 20.69 -14.39 4.30
C GLY A 298 19.40 -13.82 4.86
N ASN A 299 19.39 -13.48 6.14
CA ASN A 299 18.23 -12.84 6.75
C ASN A 299 18.36 -11.33 6.67
N LEU A 300 17.26 -10.65 6.32
CA LEU A 300 17.26 -9.19 6.20
C LEU A 300 17.80 -8.54 7.47
N ASN A 301 18.74 -7.61 7.31
CA ASN A 301 19.25 -6.87 8.46
C ASN A 301 19.32 -5.35 8.27
N GLU A 302 19.07 -4.88 7.06
CA GLU A 302 19.13 -3.45 6.77
C GLU A 302 18.38 -3.09 5.50
N ILE A 303 17.60 -2.01 5.58
CA ILE A 303 16.99 -1.41 4.40
C ILE A 303 17.65 -0.06 4.17
N LYS A 304 18.29 0.09 3.01
CA LYS A 304 18.91 1.35 2.63
C LYS A 304 18.06 2.06 1.58
N ARG A 305 18.21 3.38 1.53
CA ARG A 305 17.50 4.23 0.58
C ARG A 305 18.47 5.19 -0.10
N PHE A 306 18.39 5.26 -1.41
CA PHE A 306 19.07 6.30 -2.20
C PHE A 306 18.06 6.97 -3.12
N TYR A 307 18.30 8.24 -3.42
CA TYR A 307 17.54 8.94 -4.44
C TYR A 307 18.46 9.32 -5.58
N VAL A 308 17.90 9.46 -6.77
CA VAL A 308 18.65 9.98 -7.91
C VAL A 308 17.78 11.03 -8.58
N GLN A 309 18.33 12.23 -8.72
CA GLN A 309 17.64 13.33 -9.39
C GLN A 309 18.67 14.15 -10.15
N ASN A 310 18.35 14.45 -11.41
CA ASN A 310 19.30 15.11 -12.33
C ASN A 310 20.63 14.34 -12.47
N GLY A 311 20.55 13.02 -12.32
CA GLY A 311 21.75 12.17 -12.41
C GLY A 311 22.61 12.15 -11.16
N VAL A 312 22.24 12.92 -10.15
CA VAL A 312 22.99 13.00 -8.89
C VAL A 312 22.47 11.96 -7.91
N VAL A 313 23.35 11.08 -7.45
CA VAL A 313 23.00 10.09 -6.43
C VAL A 313 23.00 10.76 -5.06
N ILE A 314 21.86 10.63 -4.37
CA ILE A 314 21.63 11.29 -3.10
C ILE A 314 21.43 10.22 -2.01
N PRO A 315 22.39 10.08 -1.08
CA PRO A 315 22.19 9.15 0.03
C PRO A 315 21.03 9.61 0.91
N ASN A 316 20.37 8.67 1.56
CA ASN A 316 19.31 9.03 2.50
C ASN A 316 19.87 9.93 3.59
N SER A 317 19.07 10.88 4.05
CA SER A 317 19.47 11.79 5.10
C SER A 317 19.71 11.06 6.42
N GLN A 318 20.69 11.54 7.17
CA GLN A 318 20.93 11.07 8.52
C GLN A 318 19.77 11.44 9.43
N SER A 319 19.36 10.52 10.29
CA SER A 319 18.50 10.86 11.41
C SER A 319 19.30 11.75 12.35
N THR A 320 18.72 12.89 12.73
CA THR A 320 19.42 13.86 13.59
C THR A 320 18.89 13.86 15.01
N ILE A 321 17.88 13.02 15.27
CA ILE A 321 17.30 12.94 16.60
C ILE A 321 18.34 12.33 17.55
N ALA A 322 18.64 13.04 18.63
CA ALA A 322 19.59 12.52 19.62
C ALA A 322 19.12 11.16 20.11
N GLY A 323 20.00 10.17 19.99
CA GLY A 323 19.68 8.80 20.39
C GLY A 323 19.25 7.91 19.23
N ILE A 324 18.95 8.52 18.08
CA ILE A 324 18.58 7.78 16.88
C ILE A 324 19.50 8.15 15.71
N SER A 325 20.58 7.40 15.55
CA SER A 325 21.58 7.72 14.52
C SER A 325 21.39 6.89 13.23
N GLY A 326 22.11 7.30 12.19
CA GLY A 326 22.13 6.56 10.92
C GLY A 326 21.12 7.06 9.90
N ASN A 327 21.21 6.51 8.69
CA ASN A 327 20.32 6.89 7.60
C ASN A 327 19.61 5.69 6.97
N SER A 328 19.53 4.60 7.72
CA SER A 328 18.92 3.37 7.20
C SER A 328 18.06 2.71 8.26
N ILE A 329 17.33 1.66 7.86
CA ILE A 329 16.51 0.91 8.79
C ILE A 329 17.22 -0.38 9.18
N THR A 330 17.60 -0.45 10.46
CA THR A 330 18.33 -1.57 11.03
C THR A 330 17.68 -1.88 12.37
N GLN A 331 18.05 -3.00 13.01
N GLN A 331 18.07 -3.01 12.96
CA GLN A 331 17.49 -3.30 14.32
CA GLN A 331 17.66 -3.41 14.30
C GLN A 331 17.87 -2.24 15.36
C GLN A 331 17.89 -2.28 15.31
N ASP A 332 19.11 -1.75 15.29
CA ASP A 332 19.53 -0.67 16.19
C ASP A 332 18.69 0.59 16.00
N TYR A 333 18.43 0.95 14.74
CA TYR A 333 17.60 2.10 14.44
C TYR A 333 16.18 1.92 14.97
N CYS A 334 15.59 0.77 14.70
CA CYS A 334 14.21 0.50 15.09
C CYS A 334 14.03 0.51 16.61
N THR A 335 14.94 -0.15 17.32
CA THR A 335 14.90 -0.16 18.77
C THR A 335 15.05 1.24 19.34
N ALA A 336 16.07 1.97 18.86
CA ALA A 336 16.33 3.33 19.33
C ALA A 336 15.17 4.27 19.04
N GLN A 337 14.62 4.18 17.83
CA GLN A 337 13.56 5.08 17.41
C GLN A 337 12.29 4.90 18.25
N LYS A 338 11.91 3.64 18.46
CA LYS A 338 10.73 3.34 19.27
C LYS A 338 10.94 3.78 20.72
N GLN A 339 12.12 3.52 21.27
CA GLN A 339 12.45 3.93 22.64
C GLN A 339 12.46 5.45 22.80
N VAL A 340 13.19 6.15 21.92
CA VAL A 340 13.31 7.60 21.99
C VAL A 340 11.98 8.32 21.71
N PHE A 341 11.22 7.85 20.73
CA PHE A 341 9.93 8.45 20.40
C PHE A 341 8.83 8.09 21.41
N GLY A 342 9.04 7.02 22.17
CA GLY A 342 8.04 6.53 23.12
C GLY A 342 6.87 5.85 22.46
N ASP A 343 7.14 5.15 21.36
CA ASP A 343 6.12 4.39 20.64
C ASP A 343 6.27 2.90 20.97
N THR A 344 5.15 2.20 21.02
N THR A 344 5.16 2.18 21.06
CA THR A 344 5.13 0.75 21.27
CA THR A 344 5.20 0.76 21.33
C THR A 344 5.82 0.01 20.12
C THR A 344 5.83 0.01 20.16
N ASN A 345 6.83 -0.79 20.46
CA ASN A 345 7.58 -1.51 19.44
C ASN A 345 6.88 -2.79 18.97
N THR A 346 5.71 -2.62 18.34
CA THR A 346 4.98 -3.73 17.75
C THR A 346 5.74 -4.35 16.58
N TRP A 347 6.62 -3.55 15.96
CA TRP A 347 7.54 -4.03 14.94
C TRP A 347 8.35 -5.22 15.47
N GLU A 348 9.02 -5.01 16.60
CA GLU A 348 9.77 -6.08 17.25
C GLU A 348 8.86 -7.20 17.78
N ASP A 349 7.72 -6.80 18.35
N ASP A 349 7.70 -6.81 18.32
CA ASP A 349 6.76 -7.74 18.94
CA ASP A 349 6.77 -7.76 18.96
C ASP A 349 6.36 -8.86 17.98
C ASP A 349 6.13 -8.78 18.01
N HIS A 350 6.18 -8.51 16.71
CA HIS A 350 5.71 -9.48 15.71
C HIS A 350 6.80 -10.02 14.78
N GLY A 351 8.05 -9.86 15.20
CA GLY A 351 9.16 -10.57 14.56
C GLY A 351 10.11 -9.74 13.73
N GLY A 352 9.85 -8.43 13.65
CA GLY A 352 10.75 -7.49 12.98
C GLY A 352 11.39 -7.98 11.71
N PHE A 353 12.72 -7.97 11.69
CA PHE A 353 13.48 -8.33 10.48
C PHE A 353 13.30 -9.77 10.03
N GLN A 354 13.15 -10.68 10.99
CA GLN A 354 12.91 -12.07 10.67
C GLN A 354 11.55 -12.25 10.00
N SER A 355 10.55 -11.54 10.52
CA SER A 355 9.23 -11.53 9.91
C SER A 355 9.27 -11.05 8.46
N MET A 356 9.99 -9.96 8.22
CA MET A 356 10.11 -9.42 6.85
C MET A 356 10.87 -10.38 5.93
N THR A 357 11.91 -11.04 6.47
CA THR A 357 12.62 -12.08 5.74
C THR A 357 11.65 -13.17 5.29
N ASN A 358 10.80 -13.63 6.21
CA ASN A 358 9.79 -14.63 5.91
C ASN A 358 8.78 -14.16 4.88
N ALA A 359 8.40 -12.88 4.95
CA ALA A 359 7.50 -12.29 3.97
C ALA A 359 8.10 -12.34 2.56
N PHE A 360 9.39 -11.99 2.45
CA PHE A 360 10.10 -12.05 1.17
C PHE A 360 10.17 -13.48 0.63
N LYS A 361 10.44 -14.44 1.51
CA LYS A 361 10.52 -15.84 1.11
C LYS A 361 9.18 -16.41 0.66
N ALA A 362 8.09 -15.91 1.26
CA ALA A 362 6.74 -16.27 0.84
C ALA A 362 6.41 -15.72 -0.55
N GLY A 363 7.01 -14.57 -0.88
CA GLY A 363 6.76 -13.89 -2.14
C GLY A 363 5.83 -12.72 -1.91
N MET A 364 6.26 -11.55 -2.37
N MET A 364 6.23 -11.55 -2.37
CA MET A 364 5.53 -10.29 -2.20
CA MET A 364 5.43 -10.35 -2.15
C MET A 364 4.83 -9.88 -3.49
C MET A 364 4.91 -9.72 -3.43
N VAL A 365 3.65 -9.29 -3.37
CA VAL A 365 2.95 -8.70 -4.50
C VAL A 365 3.15 -7.18 -4.46
N LEU A 366 3.45 -6.59 -5.61
CA LEU A 366 3.62 -5.14 -5.72
C LEU A 366 2.28 -4.44 -5.83
N VAL A 367 2.08 -3.48 -4.94
CA VAL A 367 0.87 -2.67 -4.88
C VAL A 367 1.21 -1.23 -5.23
N MET A 368 0.40 -0.63 -6.10
CA MET A 368 0.54 0.79 -6.43
C MET A 368 -0.81 1.46 -6.26
N SER A 369 -0.87 2.44 -5.37
CA SER A 369 -2.12 3.04 -4.96
C SER A 369 -2.05 4.56 -4.82
N LEU A 370 -3.23 5.17 -4.77
CA LEU A 370 -3.37 6.58 -4.44
C LEU A 370 -4.61 6.73 -3.58
N TRP A 371 -4.45 7.31 -2.40
CA TRP A 371 -5.54 7.38 -1.43
C TRP A 371 -5.49 8.61 -0.55
N ASP A 372 -6.66 9.00 -0.05
CA ASP A 372 -6.74 9.88 1.11
C ASP A 372 -7.13 9.06 2.34
N ASP A 373 -7.01 9.69 3.51
CA ASP A 373 -7.03 8.97 4.78
C ASP A 373 -8.22 9.39 5.64
N TYR A 374 -9.24 8.53 5.66
CA TYR A 374 -10.47 8.82 6.38
C TYR A 374 -10.33 8.69 7.89
N TYR A 375 -9.25 8.05 8.34
CA TYR A 375 -9.01 7.88 9.77
C TYR A 375 -8.19 9.02 10.39
N ALA A 376 -7.07 9.37 9.76
CA ALA A 376 -6.15 10.33 10.36
C ALA A 376 -5.72 11.48 9.44
N ASP A 377 -6.40 11.63 8.31
CA ASP A 377 -6.17 12.75 7.37
C ASP A 377 -4.73 12.85 6.84
N MET A 378 -4.02 11.72 6.89
CA MET A 378 -2.62 11.63 6.46
C MET A 378 -1.67 12.47 7.32
N LEU A 379 -2.16 12.89 8.50
CA LEU A 379 -1.38 13.73 9.39
C LEU A 379 -0.16 12.99 9.94
N TRP A 380 -0.28 11.67 10.06
CA TRP A 380 0.83 10.81 10.49
C TRP A 380 2.01 10.91 9.52
N LEU A 381 1.70 11.21 8.25
CA LEU A 381 2.73 11.34 7.20
C LEU A 381 3.28 12.77 7.08
N ASP A 382 2.42 13.77 7.17
CA ASP A 382 2.81 15.11 6.72
C ASP A 382 2.52 16.29 7.65
N SER A 383 1.99 16.03 8.85
CA SER A 383 1.57 17.12 9.75
C SER A 383 2.72 17.71 10.56
N VAL A 384 2.61 19.00 10.86
CA VAL A 384 3.50 19.64 11.82
C VAL A 384 3.44 18.97 13.19
N ALA A 385 2.34 18.27 13.44
CA ALA A 385 2.15 17.54 14.69
C ALA A 385 1.17 16.38 14.53
N TYR A 386 1.62 15.17 14.85
CA TYR A 386 0.73 14.03 15.00
C TYR A 386 1.11 13.25 16.27
N PRO A 387 0.16 13.05 17.19
CA PRO A 387 -1.22 13.56 17.08
C PRO A 387 -1.28 15.09 17.00
N THR A 388 -2.40 15.61 16.50
CA THR A 388 -2.56 17.06 16.25
C THR A 388 -2.33 17.93 17.49
N ASP A 389 -2.64 17.38 18.66
N ASP A 389 -2.64 17.38 18.66
CA ASP A 389 -2.51 18.12 19.91
CA ASP A 389 -2.52 18.11 19.92
C ASP A 389 -1.15 17.94 20.58
C ASP A 389 -1.16 17.92 20.60
N ALA A 390 -0.35 17.01 20.08
CA ALA A 390 0.96 16.67 20.67
C ALA A 390 2.00 17.76 20.48
N ASP A 391 2.94 17.82 21.43
CA ASP A 391 4.00 18.83 21.46
C ASP A 391 4.98 18.67 20.28
N PRO A 392 5.04 19.69 19.40
CA PRO A 392 6.00 19.63 18.28
C PRO A 392 7.47 19.61 18.72
N SER A 393 7.71 19.96 19.98
CA SER A 393 9.04 19.88 20.60
C SER A 393 9.47 18.44 20.89
N THR A 394 8.47 17.57 21.07
CA THR A 394 8.72 16.18 21.44
C THR A 394 9.17 15.39 20.22
N PRO A 395 10.32 14.70 20.31
CA PRO A 395 10.81 13.90 19.19
C PRO A 395 9.76 12.93 18.66
N GLY A 396 9.56 12.95 17.35
CA GLY A 396 8.64 12.01 16.69
C GLY A 396 7.28 12.60 16.38
N VAL A 397 6.99 13.77 16.92
CA VAL A 397 5.67 14.39 16.74
C VAL A 397 5.52 15.06 15.36
N ALA A 398 6.52 15.83 14.95
CA ALA A 398 6.49 16.52 13.65
C ALA A 398 6.83 15.56 12.52
N ARG A 399 6.03 15.58 11.45
CA ARG A 399 6.29 14.70 10.30
C ARG A 399 6.36 15.42 8.96
N GLY A 400 5.86 16.65 8.92
CA GLY A 400 5.90 17.46 7.72
C GLY A 400 5.45 18.88 8.01
N THR A 401 5.13 19.61 6.95
CA THR A 401 4.79 21.03 7.04
C THR A 401 3.29 21.31 7.00
N CYS A 402 2.48 20.27 6.83
CA CYS A 402 1.03 20.44 6.70
C CYS A 402 0.37 20.81 8.01
N SER A 403 -0.67 21.64 7.93
CA SER A 403 -1.41 22.07 9.11
C SER A 403 -2.15 20.89 9.75
N THR A 404 -2.43 21.02 11.05
CA THR A 404 -3.18 20.01 11.78
C THR A 404 -4.62 19.88 11.28
N THR A 405 -5.08 20.89 10.52
CA THR A 405 -6.43 20.90 9.96
C THR A 405 -6.46 20.43 8.51
N SER A 406 -5.30 20.02 7.98
CA SER A 406 -5.18 19.58 6.59
C SER A 406 -5.69 18.16 6.36
N GLY A 407 -5.97 17.85 5.10
CA GLY A 407 -6.17 16.48 4.66
C GLY A 407 -7.51 15.81 4.94
N VAL A 408 -8.50 16.59 5.39
CA VAL A 408 -9.84 16.03 5.60
C VAL A 408 -10.43 15.65 4.24
N PRO A 409 -10.84 14.37 4.08
CA PRO A 409 -11.32 13.89 2.77
C PRO A 409 -12.40 14.75 2.12
N SER A 410 -13.42 15.17 2.88
CA SER A 410 -14.49 16.00 2.32
C SER A 410 -13.98 17.35 1.83
N ASP A 411 -12.88 17.82 2.41
CA ASP A 411 -12.21 19.05 1.95
C ASP A 411 -11.38 18.79 0.71
N ILE A 412 -10.43 17.86 0.81
CA ILE A 412 -9.42 17.68 -0.24
C ILE A 412 -9.93 16.98 -1.50
N GLU A 413 -11.00 16.17 -1.36
CA GLU A 413 -11.64 15.55 -2.53
C GLU A 413 -12.28 16.60 -3.45
N SER A 414 -12.54 17.76 -2.90
CA SER A 414 -12.85 18.94 -3.66
C SER A 414 -11.63 19.78 -4.09
N SER A 415 -10.88 20.28 -3.13
CA SER A 415 -9.77 21.21 -3.38
C SER A 415 -8.59 20.59 -4.12
N ALA A 416 -8.36 19.30 -3.90
CA ALA A 416 -7.26 18.58 -4.54
C ALA A 416 -7.74 17.55 -5.56
N ALA A 417 -8.89 17.80 -6.17
CA ALA A 417 -9.47 16.89 -7.15
C ALA A 417 -8.57 16.60 -8.36
N SER A 418 -7.66 17.51 -8.66
N SER A 418 -7.65 17.52 -8.65
CA SER A 418 -6.74 17.36 -9.79
CA SER A 418 -6.72 17.38 -9.77
C SER A 418 -5.50 16.54 -9.45
C SER A 418 -5.49 16.54 -9.45
N ALA A 419 -5.36 16.14 -8.18
CA ALA A 419 -4.19 15.38 -7.72
C ALA A 419 -4.01 14.05 -8.46
N TYR A 420 -2.76 13.66 -8.62
CA TYR A 420 -2.39 12.43 -9.31
C TYR A 420 -0.95 12.06 -8.96
N VAL A 421 -0.59 10.82 -9.23
CA VAL A 421 0.78 10.33 -9.05
C VAL A 421 1.17 9.54 -10.29
N ILE A 422 2.45 9.58 -10.66
CA ILE A 422 2.96 8.74 -11.75
C ILE A 422 4.15 7.93 -11.26
N TYR A 423 4.00 6.61 -11.28
CA TYR A 423 5.11 5.69 -11.04
C TYR A 423 5.63 5.25 -12.40
N SER A 424 6.95 5.21 -12.56
CA SER A 424 7.51 4.79 -13.84
C SER A 424 8.86 4.11 -13.67
N ASN A 425 9.29 3.44 -14.73
CA ASN A 425 10.67 2.95 -14.85
C ASN A 425 11.07 2.04 -13.68
N ILE A 426 10.22 1.06 -13.39
CA ILE A 426 10.46 0.10 -12.32
C ILE A 426 11.61 -0.84 -12.68
N LYS A 427 12.56 -0.99 -11.76
CA LYS A 427 13.73 -1.85 -11.95
C LYS A 427 13.97 -2.69 -10.71
N VAL A 428 14.25 -3.97 -10.90
CA VAL A 428 14.55 -4.90 -9.79
C VAL A 428 15.80 -5.70 -10.14
N GLY A 429 16.71 -5.81 -9.18
CA GLY A 429 17.90 -6.63 -9.38
C GLY A 429 18.81 -6.66 -8.17
N PRO A 430 19.99 -7.29 -8.29
CA PRO A 430 20.94 -7.34 -7.18
C PRO A 430 21.35 -5.95 -6.72
N ILE A 431 21.92 -5.88 -5.52
CA ILE A 431 22.39 -4.62 -4.96
C ILE A 431 23.28 -3.87 -5.96
N ASN A 432 22.99 -2.59 -6.17
N ASN A 432 22.98 -2.58 -6.14
CA ASN A 432 23.77 -1.71 -7.05
CA ASN A 432 23.64 -1.65 -7.06
C ASN A 432 23.52 -1.89 -8.56
C ASN A 432 23.61 -2.01 -8.54
N SER A 433 22.60 -2.78 -8.94
CA SER A 433 22.38 -3.13 -10.35
C SER A 433 21.45 -2.16 -11.10
N THR A 434 20.68 -1.37 -10.35
CA THR A 434 19.61 -0.55 -10.94
C THR A 434 19.94 0.93 -11.09
N PHE A 435 21.09 1.33 -10.55
CA PHE A 435 21.55 2.73 -10.60
C PHE A 435 23.06 2.78 -10.48
N SER A 436 23.66 3.93 -10.82
CA SER A 436 25.11 4.11 -10.83
C SER A 436 25.50 5.57 -11.02
C1 NAG B . -16.61 -13.13 9.82
C2 NAG B . -16.45 -14.40 10.65
C3 NAG B . -17.80 -14.90 11.17
C4 NAG B . -18.62 -13.79 11.83
C5 NAG B . -18.60 -12.51 10.98
C6 NAG B . -19.22 -11.31 11.69
C7 NAG B . -14.51 -15.82 10.21
C8 NAG B . -13.92 -16.88 9.34
N2 NAG B . -15.74 -15.42 9.90
O3 NAG B . -17.58 -15.95 12.09
O4 NAG B . -19.96 -14.19 12.02
O5 NAG B . -17.27 -12.19 10.65
O6 NAG B . -18.51 -10.99 12.86
O7 NAG B . -13.87 -15.37 11.16
C1 NAG B . -20.21 -14.51 13.41
C2 NAG B . -21.66 -14.16 13.74
C3 NAG B . -22.09 -14.69 15.11
C4 NAG B . -21.55 -16.09 15.39
C5 NAG B . -20.08 -16.19 15.03
C6 NAG B . -19.53 -17.59 15.26
C7 NAG B . -22.53 -12.12 12.76
C8 NAG B . -22.67 -10.62 12.88
N2 NAG B . -21.86 -12.73 13.74
O3 NAG B . -23.50 -14.72 15.14
O4 NAG B . -21.72 -16.38 16.76
O5 NAG B . -19.94 -15.87 13.66
O6 NAG B . -20.07 -18.48 14.32
O7 NAG B . -23.02 -12.71 11.81
C1 NAG C . -31.83 -7.27 -3.82
C2 NAG C . -32.72 -6.21 -4.49
C3 NAG C . -34.03 -6.83 -4.97
C4 NAG C . -33.79 -8.10 -5.79
C5 NAG C . -32.83 -9.05 -5.06
C6 NAG C . -32.47 -10.26 -5.91
C7 NAG C . -33.48 -5.00 -2.44
C8 NAG C . -33.57 -3.64 -1.80
N2 NAG C . -32.92 -5.03 -3.65
O3 NAG C . -34.72 -5.89 -5.76
O4 NAG C . -35.02 -8.75 -6.03
O5 NAG C . -31.65 -8.35 -4.71
O6 NAG C . -31.90 -9.83 -7.13
O7 NAG C . -33.91 -5.98 -1.82
C1 MAN D . -16.82 10.30 10.70
C2 MAN D . -15.69 11.11 10.04
C3 MAN D . -14.35 10.85 10.73
C4 MAN D . -14.45 10.90 12.25
C5 MAN D . -15.64 10.07 12.74
C6 MAN D . -15.83 10.18 14.25
O2 MAN D . -16.01 12.49 10.08
O3 MAN D . -13.39 11.79 10.28
O4 MAN D . -13.25 10.41 12.81
O5 MAN D . -16.82 10.51 12.09
O6 MAN D . -16.29 8.93 14.75
C1 NAG E . 27.22 -1.57 -3.45
C1 NAG E . 26.06 1.58 -4.36
C2 NAG E . 28.15 -2.58 -2.76
C2 NAG E . 27.22 1.27 -3.44
C3 NAG E . 28.75 -2.06 -1.46
C3 NAG E . 27.26 2.22 -2.26
C4 NAG E . 29.27 -0.63 -1.58
C4 NAG E . 27.15 3.66 -2.73
C5 NAG E . 28.24 0.27 -2.27
C5 NAG E . 25.99 3.81 -3.71
C6 NAG E . 28.78 1.67 -2.52
C6 NAG E . 25.90 5.24 -4.23
C7 NAG E . 27.36 -4.81 -3.37
C7 NAG E . 27.61 -1.11 -3.70
C8 NAG E . 26.65 -6.06 -2.92
C8 NAG E . 27.46 -2.48 -3.13
N2 NAG E . 27.49 -3.84 -2.47
N2 NAG E . 27.13 -0.10 -2.97
O3 NAG E . 29.80 -2.91 -1.05
O3 NAG E . 28.48 2.06 -1.55
O4 NAG E . 29.57 -0.14 -0.30
O4 NAG E . 26.96 4.51 -1.62
O5 NAG E . 27.85 -0.31 -3.51
O5 NAG E . 26.15 2.93 -4.79
O6 NAG E . 29.79 1.63 -3.52
O6 NAG E . 27.19 5.79 -4.38
O7 NAG E . 27.77 -4.72 -4.53
O7 NAG E . 28.16 -0.94 -4.79
MG MG F . -10.05 -0.81 6.39
#